data_7QXJ
#
_entry.id   7QXJ
#
_cell.length_a   1.000
_cell.length_b   1.000
_cell.length_c   1.000
_cell.angle_alpha   90.00
_cell.angle_beta   90.00
_cell.angle_gamma   90.00
#
_symmetry.space_group_name_H-M   'P 1'
#
_entity_poly.entity_id   1
_entity_poly.type   'polypeptide(L)'
_entity_poly.pdbx_seq_one_letter_code
;ADKRCYRMCQRYHQRRQRRQCKKGCRYG
;
_entity_poly.pdbx_strand_id   A
#
# COMPACT_ATOMS: atom_id res chain seq x y z
N ALA A 1 5.18 0.30 -12.90
CA ALA A 1 4.92 1.23 -11.81
C ALA A 1 3.77 0.73 -10.93
N ASP A 2 3.98 0.75 -9.62
CA ASP A 2 2.96 0.31 -8.67
C ASP A 2 2.33 1.50 -7.97
N LYS A 3 2.08 2.56 -8.72
CA LYS A 3 1.46 3.77 -8.17
C LYS A 3 0.02 3.51 -7.77
N ARG A 4 -0.66 2.68 -8.55
CA ARG A 4 -2.06 2.34 -8.28
C ARG A 4 -2.20 1.70 -6.90
N CYS A 5 -1.41 0.67 -6.64
CA CYS A 5 -1.45 -0.04 -5.36
C CYS A 5 -1.20 0.93 -4.21
N TYR A 6 -0.20 1.79 -4.38
CA TYR A 6 0.15 2.76 -3.34
C TYR A 6 -1.07 3.58 -2.93
N ARG A 7 -1.72 4.20 -3.93
CA ARG A 7 -2.90 5.03 -3.68
C ARG A 7 -3.95 4.24 -2.92
N MET A 8 -4.14 2.98 -3.30
CA MET A 8 -5.12 2.12 -2.65
C MET A 8 -4.76 1.89 -1.18
N CYS A 9 -3.47 1.75 -0.91
CA CYS A 9 -3.00 1.52 0.44
C CYS A 9 -3.05 2.81 1.26
N GLN A 10 -2.90 3.94 0.57
CA GLN A 10 -2.93 5.24 1.24
C GLN A 10 -4.29 5.48 1.89
N ARG A 11 -5.34 5.00 1.26
CA ARG A 11 -6.69 5.17 1.78
C ARG A 11 -7.05 4.04 2.74
N TYR A 12 -6.15 3.74 3.67
CA TYR A 12 -6.37 2.68 4.63
C TYR A 12 -6.67 3.26 6.01
N HIS A 13 -7.79 2.84 6.59
CA HIS A 13 -8.19 3.31 7.91
C HIS A 13 -7.17 2.94 8.97
N GLN A 14 -6.63 1.72 8.85
CA GLN A 14 -5.64 1.23 9.81
C GLN A 14 -4.23 1.47 9.28
N ARG A 15 -3.37 2.02 10.13
CA ARG A 15 -1.99 2.30 9.75
C ARG A 15 -1.22 1.01 9.53
N ARG A 16 -1.34 0.08 10.47
CA ARG A 16 -0.65 -1.20 10.38
C ARG A 16 -0.91 -1.86 9.03
N GLN A 17 -2.12 -1.69 8.52
CA GLN A 17 -2.50 -2.28 7.24
C GLN A 17 -2.02 -1.40 6.08
N ARG A 18 -2.07 -0.09 6.28
CA ARG A 18 -1.64 0.86 5.25
C ARG A 18 -0.19 0.62 4.86
N ARG A 19 0.71 0.74 5.84
CA ARG A 19 2.13 0.55 5.61
C ARG A 19 2.40 -0.84 5.04
N GLN A 20 1.90 -1.87 5.73
CA GLN A 20 2.09 -3.24 5.30
C GLN A 20 1.58 -3.44 3.88
N CYS A 21 0.51 -2.74 3.54
CA CYS A 21 -0.09 -2.84 2.21
C CYS A 21 0.88 -2.32 1.15
N LYS A 22 1.42 -1.13 1.37
CA LYS A 22 2.36 -0.52 0.44
C LYS A 22 3.64 -1.34 0.34
N LYS A 23 4.35 -1.46 1.47
CA LYS A 23 5.59 -2.22 1.52
C LYS A 23 5.38 -3.63 0.99
N GLY A 24 4.20 -4.18 1.23
CA GLY A 24 3.90 -5.52 0.78
C GLY A 24 3.65 -5.59 -0.72
N CYS A 25 3.10 -4.51 -1.26
CA CYS A 25 2.80 -4.44 -2.69
C CYS A 25 4.03 -4.04 -3.49
N ARG A 26 5.11 -4.79 -3.31
CA ARG A 26 6.36 -4.52 -4.01
C ARG A 26 6.26 -4.92 -5.48
N TYR A 27 7.34 -4.70 -6.22
CA TYR A 27 7.37 -5.04 -7.64
C TYR A 27 7.76 -6.50 -7.84
N GLY A 28 8.63 -7.00 -6.97
CA GLY A 28 9.07 -8.37 -7.07
C GLY A 28 9.86 -8.64 -8.33
N ALA A 1 6.55 -0.63 -11.41
CA ALA A 1 5.87 0.08 -10.34
C ALA A 1 4.36 0.11 -10.59
N ASP A 2 3.59 0.12 -9.50
CA ASP A 2 2.13 0.14 -9.60
C ASP A 2 1.56 1.28 -8.76
N LYS A 3 1.15 2.35 -9.42
CA LYS A 3 0.58 3.51 -8.73
C LYS A 3 -0.75 3.15 -8.08
N ARG A 4 -1.52 2.29 -8.74
CA ARG A 4 -2.81 1.86 -8.22
C ARG A 4 -2.67 1.28 -6.81
N CYS A 5 -1.75 0.35 -6.65
CA CYS A 5 -1.51 -0.28 -5.36
C CYS A 5 -1.06 0.75 -4.32
N TYR A 6 -0.29 1.73 -4.78
CA TYR A 6 0.20 2.78 -3.88
C TYR A 6 -0.94 3.56 -3.26
N ARG A 7 -1.71 4.24 -4.11
CA ARG A 7 -2.84 5.03 -3.65
C ARG A 7 -3.80 4.17 -2.83
N MET A 8 -4.01 2.94 -3.25
CA MET A 8 -4.90 2.02 -2.55
C MET A 8 -4.50 1.89 -1.09
N CYS A 9 -3.21 1.66 -0.85
CA CYS A 9 -2.71 1.52 0.51
C CYS A 9 -2.73 2.86 1.25
N GLN A 10 -2.59 3.94 0.49
CA GLN A 10 -2.60 5.28 1.08
C GLN A 10 -3.95 5.59 1.72
N ARG A 11 -5.02 5.08 1.11
CA ARG A 11 -6.37 5.31 1.62
C ARG A 11 -6.74 4.23 2.64
N TYR A 12 -5.84 3.95 3.57
CA TYR A 12 -6.07 2.95 4.60
C TYR A 12 -6.32 3.60 5.95
N HIS A 13 -7.52 3.40 6.49
CA HIS A 13 -7.89 3.96 7.78
C HIS A 13 -6.98 3.42 8.88
N GLN A 14 -6.60 2.15 8.77
CA GLN A 14 -5.74 1.52 9.76
C GLN A 14 -4.28 1.59 9.33
N ARG A 15 -3.45 2.25 10.14
CA ARG A 15 -2.04 2.39 9.85
C ARG A 15 -1.37 1.01 9.73
N ARG A 16 -1.68 0.13 10.67
CA ARG A 16 -1.12 -1.21 10.69
C ARG A 16 -1.30 -1.90 9.34
N GLN A 17 -2.43 -1.63 8.69
CA GLN A 17 -2.73 -2.21 7.40
C GLN A 17 -2.06 -1.42 6.27
N ARG A 18 -2.04 -0.10 6.42
CA ARG A 18 -1.43 0.77 5.42
C ARG A 18 0.02 0.39 5.17
N ARG A 19 0.82 0.41 6.24
CA ARG A 19 2.24 0.06 6.14
C ARG A 19 2.42 -1.31 5.49
N GLN A 20 1.81 -2.32 6.09
CA GLN A 20 1.90 -3.68 5.56
C GLN A 20 1.47 -3.74 4.11
N CYS A 21 0.47 -2.93 3.76
CA CYS A 21 -0.03 -2.89 2.39
C CYS A 21 1.03 -2.39 1.43
N LYS A 22 1.73 -1.33 1.82
CA LYS A 22 2.77 -0.75 0.99
C LYS A 22 3.91 -1.75 0.77
N LYS A 23 4.29 -2.44 1.83
CA LYS A 23 5.36 -3.44 1.75
C LYS A 23 4.98 -4.56 0.79
N GLY A 24 3.71 -4.93 0.79
CA GLY A 24 3.23 -6.00 -0.07
C GLY A 24 3.15 -5.57 -1.52
N CYS A 25 2.83 -4.29 -1.74
CA CYS A 25 2.72 -3.75 -3.10
C CYS A 25 4.08 -3.36 -3.63
N ARG A 26 5.01 -4.31 -3.64
CA ARG A 26 6.36 -4.06 -4.13
C ARG A 26 6.43 -4.24 -5.65
N TYR A 27 7.44 -3.64 -6.27
CA TYR A 27 7.63 -3.73 -7.71
C TYR A 27 8.74 -4.71 -8.06
N GLY A 28 8.84 -5.78 -7.28
CA GLY A 28 9.88 -6.78 -7.53
C GLY A 28 9.31 -8.06 -8.09
N ALA A 1 6.66 -0.48 -11.03
CA ALA A 1 5.88 0.07 -9.93
C ALA A 1 4.42 0.19 -10.31
N ASP A 2 3.54 0.12 -9.30
CA ASP A 2 2.11 0.23 -9.52
C ASP A 2 1.53 1.41 -8.76
N LYS A 3 1.01 2.39 -9.51
CA LYS A 3 0.42 3.57 -8.90
C LYS A 3 -0.89 3.23 -8.21
N ARG A 4 -1.64 2.30 -8.79
CA ARG A 4 -2.92 1.89 -8.23
C ARG A 4 -2.73 1.26 -6.85
N CYS A 5 -1.68 0.45 -6.71
CA CYS A 5 -1.38 -0.21 -5.45
C CYS A 5 -1.02 0.80 -4.38
N TYR A 6 -0.24 1.81 -4.76
CA TYR A 6 0.19 2.84 -3.83
C TYR A 6 -1.01 3.61 -3.28
N ARG A 7 -1.77 4.23 -4.17
CA ARG A 7 -2.95 4.99 -3.77
C ARG A 7 -3.88 4.14 -2.91
N MET A 8 -4.05 2.89 -3.30
CA MET A 8 -4.92 1.98 -2.56
C MET A 8 -4.53 1.92 -1.09
N CYS A 9 -3.25 1.64 -0.83
CA CYS A 9 -2.74 1.55 0.53
C CYS A 9 -2.75 2.92 1.20
N GLN A 10 -2.59 3.96 0.39
CA GLN A 10 -2.56 5.33 0.90
C GLN A 10 -3.90 5.70 1.53
N ARG A 11 -4.99 5.19 0.94
CA ARG A 11 -6.33 5.46 1.43
C ARG A 11 -6.74 4.45 2.50
N TYR A 12 -5.83 4.20 3.44
CA TYR A 12 -6.10 3.25 4.51
C TYR A 12 -6.34 3.97 5.84
N HIS A 13 -7.17 3.38 6.68
CA HIS A 13 -7.49 3.97 7.98
C HIS A 13 -6.55 3.44 9.06
N GLN A 14 -6.27 2.13 9.00
CA GLN A 14 -5.38 1.50 9.97
C GLN A 14 -3.94 1.59 9.52
N ARG A 15 -3.08 2.13 10.38
CA ARG A 15 -1.66 2.26 10.07
C ARG A 15 -1.02 0.91 9.81
N ARG A 16 -1.34 -0.06 10.68
CA ARG A 16 -0.79 -1.41 10.54
C ARG A 16 -1.13 -2.00 9.18
N GLN A 17 -2.31 -1.66 8.67
CA GLN A 17 -2.75 -2.16 7.37
C GLN A 17 -2.15 -1.34 6.24
N ARG A 18 -2.08 -0.02 6.44
CA ARG A 18 -1.52 0.88 5.44
C ARG A 18 -0.07 0.51 5.12
N ARG A 19 0.77 0.46 6.15
CA ARG A 19 2.17 0.13 5.97
C ARG A 19 2.33 -1.25 5.36
N GLN A 20 1.72 -2.26 6.01
CA GLN A 20 1.79 -3.64 5.52
C GLN A 20 1.31 -3.73 4.08
N CYS A 21 0.28 -2.95 3.76
CA CYS A 21 -0.28 -2.96 2.40
C CYS A 21 0.78 -2.55 1.38
N LYS A 22 1.39 -1.39 1.58
CA LYS A 22 2.42 -0.89 0.68
C LYS A 22 3.56 -1.89 0.55
N LYS A 23 3.87 -2.57 1.64
CA LYS A 23 4.94 -3.56 1.64
C LYS A 23 4.58 -4.75 0.76
N GLY A 24 3.30 -5.12 0.74
CA GLY A 24 2.85 -6.22 -0.08
C GLY A 24 2.82 -5.89 -1.55
N CYS A 25 2.52 -4.63 -1.87
CA CYS A 25 2.46 -4.19 -3.25
C CYS A 25 3.86 -3.83 -3.78
N ARG A 26 4.78 -4.78 -3.67
CA ARG A 26 6.15 -4.57 -4.13
C ARG A 26 6.26 -4.82 -5.63
N TYR A 27 7.17 -4.10 -6.28
CA TYR A 27 7.38 -4.24 -7.72
C TYR A 27 8.66 -5.02 -8.01
N GLY A 28 9.67 -4.80 -7.17
CA GLY A 28 10.93 -5.49 -7.35
C GLY A 28 10.97 -6.83 -6.65
N ALA A 1 5.54 5.76 -11.07
CA ALA A 1 6.00 4.37 -10.97
C ALA A 1 5.22 3.63 -9.90
N ASP A 2 4.40 2.67 -10.32
CA ASP A 2 3.61 1.87 -9.39
C ASP A 2 2.74 2.78 -8.51
N LYS A 3 2.09 3.75 -9.15
CA LYS A 3 1.23 4.68 -8.42
C LYS A 3 -0.05 4.00 -7.97
N ARG A 4 -0.55 3.07 -8.79
CA ARG A 4 -1.77 2.34 -8.46
C ARG A 4 -1.63 1.61 -7.13
N CYS A 5 -0.45 1.05 -6.89
CA CYS A 5 -0.18 0.32 -5.65
C CYS A 5 -0.20 1.26 -4.46
N TYR A 6 0.38 2.44 -4.63
CA TYR A 6 0.43 3.43 -3.56
C TYR A 6 -0.98 3.83 -3.12
N ARG A 7 -1.76 4.34 -4.07
CA ARG A 7 -3.13 4.77 -3.79
C ARG A 7 -3.92 3.64 -3.14
N MET A 8 -3.77 2.43 -3.67
CA MET A 8 -4.48 1.27 -3.13
C MET A 8 -4.21 1.10 -1.65
N CYS A 9 -2.95 1.27 -1.26
CA CYS A 9 -2.56 1.14 0.14
C CYS A 9 -3.02 2.34 0.95
N GLN A 10 -3.13 3.49 0.30
CA GLN A 10 -3.56 4.71 0.96
C GLN A 10 -4.98 4.56 1.49
N ARG A 11 -5.80 3.83 0.76
CA ARG A 11 -7.19 3.60 1.16
C ARG A 11 -7.31 2.40 2.09
N TYR A 12 -6.44 2.35 3.10
CA TYR A 12 -6.44 1.26 4.06
C TYR A 12 -7.02 1.71 5.39
N HIS A 13 -7.97 0.95 5.91
CA HIS A 13 -8.60 1.27 7.19
C HIS A 13 -7.61 1.15 8.34
N GLN A 14 -6.82 0.08 8.31
CA GLN A 14 -5.82 -0.15 9.35
C GLN A 14 -4.49 0.49 8.98
N ARG A 15 -4.02 1.40 9.83
CA ARG A 15 -2.75 2.08 9.59
C ARG A 15 -1.60 1.09 9.54
N ARG A 16 -1.60 0.14 10.47
CA ARG A 16 -0.55 -0.87 10.52
C ARG A 16 -0.40 -1.58 9.17
N GLN A 17 -1.52 -1.78 8.49
CA GLN A 17 -1.52 -2.45 7.19
C GLN A 17 -1.18 -1.47 6.08
N ARG A 18 -1.68 -0.24 6.20
CA ARG A 18 -1.44 0.78 5.21
C ARG A 18 0.06 1.02 5.02
N ARG A 19 0.74 1.33 6.12
CA ARG A 19 2.18 1.59 6.08
C ARG A 19 2.92 0.41 5.45
N GLN A 20 2.75 -0.77 6.05
CA GLN A 20 3.42 -1.98 5.54
C GLN A 20 3.08 -2.20 4.07
N CYS A 21 1.85 -1.90 3.70
CA CYS A 21 1.42 -2.08 2.32
C CYS A 21 2.24 -1.22 1.37
N LYS A 22 2.21 0.09 1.57
CA LYS A 22 2.97 1.02 0.74
C LYS A 22 4.44 0.65 0.73
N LYS A 23 4.95 0.21 1.87
CA LYS A 23 6.35 -0.17 2.00
C LYS A 23 6.73 -1.22 0.95
N GLY A 24 6.06 -2.37 1.01
CA GLY A 24 6.33 -3.43 0.07
C GLY A 24 5.54 -3.28 -1.22
N CYS A 25 4.23 -3.44 -1.13
CA CYS A 25 3.36 -3.32 -2.30
C CYS A 25 3.91 -4.13 -3.47
N ARG A 26 4.53 -5.26 -3.16
CA ARG A 26 5.10 -6.12 -4.19
C ARG A 26 4.01 -6.89 -4.94
N TYR A 27 4.42 -7.76 -5.84
CA TYR A 27 3.47 -8.55 -6.62
C TYR A 27 3.42 -9.99 -6.14
N GLY A 28 4.58 -10.50 -5.72
CA GLY A 28 4.64 -11.86 -5.23
C GLY A 28 4.21 -12.87 -6.27
N ALA A 1 5.83 -1.18 -8.22
CA ALA A 1 5.83 -0.57 -9.54
C ALA A 1 4.48 0.07 -9.85
N ASP A 2 3.40 -0.68 -9.61
CA ASP A 2 2.05 -0.19 -9.86
C ASP A 2 1.70 0.94 -8.90
N LYS A 3 1.43 2.12 -9.44
CA LYS A 3 1.08 3.29 -8.63
C LYS A 3 -0.30 3.11 -8.01
N ARG A 4 -1.20 2.46 -8.75
CA ARG A 4 -2.56 2.24 -8.27
C ARG A 4 -2.54 1.54 -6.90
N CYS A 5 -1.60 0.62 -6.73
CA CYS A 5 -1.48 -0.12 -5.48
C CYS A 5 -1.20 0.83 -4.31
N TYR A 6 -0.18 1.66 -4.46
CA TYR A 6 0.19 2.62 -3.43
C TYR A 6 -1.00 3.49 -3.05
N ARG A 7 -1.65 4.07 -4.06
CA ARG A 7 -2.80 4.94 -3.83
C ARG A 7 -3.86 4.23 -2.99
N MET A 8 -4.08 2.95 -3.29
CA MET A 8 -5.06 2.15 -2.56
C MET A 8 -4.69 2.05 -1.08
N CYS A 9 -3.40 1.83 -0.82
CA CYS A 9 -2.91 1.71 0.55
C CYS A 9 -2.94 3.05 1.26
N GLN A 10 -2.80 4.13 0.49
CA GLN A 10 -2.80 5.47 1.05
C GLN A 10 -4.15 5.79 1.70
N ARG A 11 -5.22 5.30 1.09
CA ARG A 11 -6.57 5.52 1.61
C ARG A 11 -6.95 4.45 2.62
N TYR A 12 -6.05 4.19 3.56
CA TYR A 12 -6.30 3.18 4.58
C TYR A 12 -6.58 3.84 5.94
N HIS A 13 -7.40 3.17 6.75
CA HIS A 13 -7.75 3.70 8.06
C HIS A 13 -6.78 3.19 9.12
N GLN A 14 -6.38 1.92 9.01
CA GLN A 14 -5.46 1.32 9.95
C GLN A 14 -4.02 1.48 9.48
N ARG A 15 -3.14 1.90 10.39
CA ARG A 15 -1.74 2.09 10.06
C ARG A 15 -1.07 0.75 9.73
N ARG A 16 -1.24 -0.22 10.62
CA ARG A 16 -0.65 -1.54 10.42
C ARG A 16 -1.00 -2.09 9.05
N GLN A 17 -2.21 -1.79 8.58
CA GLN A 17 -2.67 -2.26 7.29
C GLN A 17 -2.13 -1.37 6.17
N ARG A 18 -2.10 -0.06 6.42
CA ARG A 18 -1.61 0.90 5.44
C ARG A 18 -0.16 0.59 5.06
N ARG A 19 0.72 0.61 6.06
CA ARG A 19 2.14 0.35 5.83
C ARG A 19 2.34 -1.02 5.18
N GLN A 20 1.80 -2.05 5.82
CA GLN A 20 1.92 -3.42 5.30
C GLN A 20 1.41 -3.50 3.87
N CYS A 21 0.33 -2.78 3.58
CA CYS A 21 -0.25 -2.78 2.24
C CYS A 21 0.76 -2.30 1.21
N LYS A 22 1.33 -1.12 1.44
CA LYS A 22 2.32 -0.56 0.52
C LYS A 22 3.53 -1.48 0.41
N LYS A 23 3.91 -2.09 1.51
CA LYS A 23 5.06 -3.00 1.54
C LYS A 23 4.79 -4.23 0.67
N GLY A 24 3.55 -4.71 0.70
CA GLY A 24 3.19 -5.87 -0.09
C GLY A 24 3.13 -5.57 -1.57
N CYS A 25 2.73 -4.34 -1.92
CA CYS A 25 2.63 -3.94 -3.31
C CYS A 25 3.99 -3.50 -3.85
N ARG A 26 4.98 -4.38 -3.74
CA ARG A 26 6.33 -4.07 -4.22
C ARG A 26 6.39 -4.13 -5.74
N TYR A 27 7.60 -4.03 -6.27
CA TYR A 27 7.81 -4.07 -7.72
C TYR A 27 8.38 -5.42 -8.15
N GLY A 28 9.24 -5.99 -7.32
CA GLY A 28 9.84 -7.27 -7.63
C GLY A 28 11.23 -7.13 -8.21
N ALA A 1 6.05 -0.22 -9.93
CA ALA A 1 4.74 -0.17 -9.28
C ALA A 1 3.79 0.74 -10.05
N ASP A 2 2.54 0.79 -9.60
CA ASP A 2 1.53 1.62 -10.25
C ASP A 2 0.95 2.64 -9.27
N LYS A 3 0.24 3.62 -9.80
CA LYS A 3 -0.37 4.66 -8.98
C LYS A 3 -1.55 4.10 -8.18
N ARG A 4 -2.28 3.19 -8.80
CA ARG A 4 -3.45 2.57 -8.16
C ARG A 4 -3.05 1.96 -6.82
N CYS A 5 -1.89 1.32 -6.78
CA CYS A 5 -1.40 0.69 -5.56
C CYS A 5 -1.37 1.68 -4.41
N TYR A 6 -0.61 2.76 -4.59
CA TYR A 6 -0.49 3.79 -3.56
C TYR A 6 -1.87 4.30 -3.13
N ARG A 7 -2.70 4.63 -4.10
CA ARG A 7 -4.05 5.12 -3.82
C ARG A 7 -4.80 4.15 -2.91
N MET A 8 -4.59 2.86 -3.14
CA MET A 8 -5.26 1.83 -2.34
C MET A 8 -4.73 1.84 -0.90
N CYS A 9 -3.44 2.10 -0.75
CA CYS A 9 -2.81 2.14 0.56
C CYS A 9 -3.20 3.42 1.32
N GLN A 10 -3.43 4.49 0.56
CA GLN A 10 -3.80 5.77 1.16
C GLN A 10 -5.12 5.66 1.90
N ARG A 11 -6.02 4.83 1.39
CA ARG A 11 -7.33 4.63 2.01
C ARG A 11 -7.19 4.01 3.39
N TYR A 12 -6.08 3.31 3.62
CA TYR A 12 -5.83 2.66 4.90
C TYR A 12 -5.26 3.66 5.90
N HIS A 13 -6.10 4.10 6.83
CA HIS A 13 -5.70 5.04 7.86
C HIS A 13 -4.71 4.40 8.84
N GLN A 14 -4.89 3.11 9.07
CA GLN A 14 -4.02 2.37 9.98
C GLN A 14 -2.76 1.90 9.28
N ARG A 15 -1.65 1.90 10.00
CA ARG A 15 -0.36 1.48 9.45
C ARG A 15 -0.35 -0.03 9.20
N ARG A 16 -1.08 -0.76 10.05
CA ARG A 16 -1.15 -2.21 9.93
C ARG A 16 -1.51 -2.63 8.52
N GLN A 17 -2.54 -1.99 7.97
CA GLN A 17 -3.01 -2.29 6.61
C GLN A 17 -2.21 -1.51 5.58
N ARG A 18 -1.97 -0.23 5.88
CA ARG A 18 -1.22 0.63 4.98
C ARG A 18 0.13 0.02 4.62
N ARG A 19 0.95 -0.25 5.64
CA ARG A 19 2.26 -0.83 5.44
C ARG A 19 2.15 -2.13 4.63
N GLN A 20 1.26 -3.02 5.04
CA GLN A 20 1.06 -4.28 4.36
C GLN A 20 0.73 -4.07 2.89
N CYS A 21 -0.09 -3.07 2.62
CA CYS A 21 -0.48 -2.75 1.24
C CYS A 21 0.74 -2.39 0.40
N LYS A 22 1.42 -1.32 0.78
CA LYS A 22 2.61 -0.87 0.05
C LYS A 22 3.66 -1.98 0.01
N LYS A 23 3.82 -2.69 1.11
CA LYS A 23 4.78 -3.78 1.19
C LYS A 23 4.48 -4.87 0.16
N GLY A 24 3.19 -5.12 -0.05
CA GLY A 24 2.78 -6.12 -1.01
C GLY A 24 3.02 -5.69 -2.44
N CYS A 25 2.82 -4.41 -2.71
CA CYS A 25 3.01 -3.87 -4.05
C CYS A 25 4.48 -3.54 -4.31
N ARG A 26 5.34 -4.55 -4.13
CA ARG A 26 6.77 -4.37 -4.34
C ARG A 26 7.45 -5.71 -4.63
N TYR A 27 8.56 -5.66 -5.35
CA TYR A 27 9.31 -6.86 -5.70
C TYR A 27 10.27 -7.26 -4.58
N GLY A 28 10.82 -6.25 -3.90
CA GLY A 28 11.75 -6.52 -2.82
C GLY A 28 11.10 -7.24 -1.66
N ALA A 1 4.91 -3.19 -8.24
CA ALA A 1 3.49 -2.88 -8.30
C ALA A 1 3.24 -1.64 -9.15
N ASP A 2 1.96 -1.27 -9.27
CA ASP A 2 1.59 -0.09 -10.05
C ASP A 2 1.24 1.07 -9.14
N LYS A 3 0.92 2.21 -9.73
CA LYS A 3 0.57 3.40 -8.97
C LYS A 3 -0.73 3.20 -8.20
N ARG A 4 -1.66 2.45 -8.80
CA ARG A 4 -2.94 2.18 -8.17
C ARG A 4 -2.74 1.56 -6.79
N CYS A 5 -1.75 0.69 -6.68
CA CYS A 5 -1.46 0.02 -5.42
C CYS A 5 -1.13 1.04 -4.33
N TYR A 6 -0.21 1.95 -4.64
CA TYR A 6 0.21 2.97 -3.70
C TYR A 6 -0.97 3.81 -3.24
N ARG A 7 -1.74 4.31 -4.20
CA ARG A 7 -2.91 5.14 -3.90
C ARG A 7 -3.84 4.41 -2.92
N MET A 8 -4.00 3.11 -3.12
CA MET A 8 -4.86 2.30 -2.26
C MET A 8 -4.34 2.30 -0.82
N CYS A 9 -3.05 2.05 -0.67
CA CYS A 9 -2.43 2.01 0.65
C CYS A 9 -2.49 3.39 1.31
N GLN A 10 -2.60 4.44 0.50
CA GLN A 10 -2.66 5.80 1.00
C GLN A 10 -4.01 6.06 1.67
N ARG A 11 -5.06 5.44 1.14
CA ARG A 11 -6.40 5.62 1.69
C ARG A 11 -6.70 4.55 2.74
N TYR A 12 -5.67 4.16 3.48
CA TYR A 12 -5.82 3.15 4.52
C TYR A 12 -5.72 3.77 5.92
N HIS A 13 -6.88 4.15 6.46
CA HIS A 13 -6.92 4.76 7.79
C HIS A 13 -6.16 3.91 8.81
N GLN A 14 -6.22 2.59 8.63
CA GLN A 14 -5.53 1.68 9.53
C GLN A 14 -4.06 1.53 9.15
N ARG A 15 -3.18 1.92 10.07
CA ARG A 15 -1.74 1.83 9.83
C ARG A 15 -1.32 0.37 9.62
N ARG A 16 -1.85 -0.52 10.45
CA ARG A 16 -1.52 -1.93 10.37
C ARG A 16 -1.72 -2.45 8.94
N GLN A 17 -2.74 -1.93 8.27
CA GLN A 17 -3.03 -2.34 6.90
C GLN A 17 -2.19 -1.55 5.91
N ARG A 18 -2.02 -0.27 6.18
CA ARG A 18 -1.23 0.60 5.31
C ARG A 18 0.18 0.03 5.11
N ARG A 19 0.85 -0.27 6.22
CA ARG A 19 2.20 -0.81 6.16
C ARG A 19 2.26 -2.06 5.29
N GLN A 20 1.50 -3.07 5.67
CA GLN A 20 1.45 -4.33 4.93
C GLN A 20 1.11 -4.08 3.46
N CYS A 21 0.13 -3.21 3.23
CA CYS A 21 -0.29 -2.88 1.87
C CYS A 21 0.90 -2.41 1.03
N LYS A 22 1.53 -1.34 1.47
CA LYS A 22 2.69 -0.78 0.76
C LYS A 22 3.79 -1.83 0.64
N LYS A 23 3.98 -2.62 1.68
CA LYS A 23 5.00 -3.66 1.69
C LYS A 23 4.75 -4.68 0.58
N GLY A 24 3.49 -5.05 0.41
CA GLY A 24 3.13 -6.02 -0.61
C GLY A 24 3.23 -5.45 -2.02
N CYS A 25 2.90 -4.16 -2.15
CA CYS A 25 2.96 -3.50 -3.44
C CYS A 25 4.37 -2.98 -3.73
N ARG A 26 5.34 -3.88 -3.66
CA ARG A 26 6.73 -3.52 -3.92
C ARG A 26 7.04 -3.57 -5.41
N TYR A 27 8.07 -2.85 -5.82
CA TYR A 27 8.48 -2.80 -7.22
C TYR A 27 9.72 -3.65 -7.45
N GLY A 28 9.81 -4.77 -6.74
CA GLY A 28 10.96 -5.65 -6.89
C GLY A 28 10.55 -7.09 -7.15
N ALA A 1 4.62 -0.38 -6.19
CA ALA A 1 5.13 -0.36 -7.56
C ALA A 1 4.19 0.40 -8.48
N ASP A 2 2.96 -0.09 -8.59
CA ASP A 2 1.96 0.53 -9.44
C ASP A 2 1.26 1.67 -8.71
N LYS A 3 0.86 2.69 -9.46
CA LYS A 3 0.18 3.85 -8.88
C LYS A 3 -1.17 3.45 -8.30
N ARG A 4 -1.84 2.50 -8.95
CA ARG A 4 -3.13 2.03 -8.48
C ARG A 4 -3.07 1.57 -7.04
N CYS A 5 -2.24 0.57 -6.77
CA CYS A 5 -2.08 0.04 -5.42
C CYS A 5 -1.57 1.12 -4.46
N TYR A 6 -0.71 2.00 -4.98
CA TYR A 6 -0.15 3.07 -4.17
C TYR A 6 -1.25 3.88 -3.49
N ARG A 7 -2.05 4.58 -4.30
CA ARG A 7 -3.14 5.39 -3.78
C ARG A 7 -4.08 4.54 -2.90
N MET A 8 -4.31 3.30 -3.33
CA MET A 8 -5.17 2.40 -2.59
C MET A 8 -4.70 2.25 -1.14
N CYS A 9 -3.43 1.91 -0.97
CA CYS A 9 -2.86 1.73 0.35
C CYS A 9 -2.82 3.06 1.11
N GLN A 10 -2.71 4.15 0.36
CA GLN A 10 -2.66 5.48 0.96
C GLN A 10 -3.96 5.81 1.69
N ARG A 11 -5.07 5.33 1.14
CA ARG A 11 -6.38 5.56 1.74
C ARG A 11 -6.72 4.48 2.76
N TYR A 12 -5.75 4.14 3.60
CA TYR A 12 -5.94 3.13 4.63
C TYR A 12 -6.06 3.75 6.01
N HIS A 13 -7.18 3.49 6.68
CA HIS A 13 -7.41 4.03 8.02
C HIS A 13 -6.49 3.36 9.04
N GLN A 14 -6.27 2.06 8.85
CA GLN A 14 -5.41 1.30 9.76
C GLN A 14 -3.96 1.35 9.31
N ARG A 15 -3.15 2.13 10.02
CA ARG A 15 -1.74 2.28 9.70
C ARG A 15 -1.07 0.90 9.58
N ARG A 16 -1.57 -0.07 10.34
CA ARG A 16 -1.02 -1.42 10.32
C ARG A 16 -1.22 -2.07 8.96
N GLN A 17 -2.35 -1.76 8.33
CA GLN A 17 -2.68 -2.32 7.02
C GLN A 17 -2.04 -1.48 5.91
N ARG A 18 -2.00 -0.17 6.12
CA ARG A 18 -1.43 0.74 5.13
C ARG A 18 0.03 0.38 4.83
N ARG A 19 0.86 0.39 5.87
CA ARG A 19 2.27 0.06 5.72
C ARG A 19 2.45 -1.30 5.06
N GLN A 20 1.84 -2.33 5.65
CA GLN A 20 1.93 -3.68 5.13
C GLN A 20 1.48 -3.72 3.67
N CYS A 21 0.43 -2.97 3.36
CA CYS A 21 -0.11 -2.93 2.01
C CYS A 21 0.97 -2.50 1.01
N LYS A 22 1.52 -1.31 1.22
CA LYS A 22 2.55 -0.78 0.33
C LYS A 22 3.71 -1.75 0.22
N LYS A 23 4.15 -2.29 1.36
CA LYS A 23 5.25 -3.25 1.38
C LYS A 23 4.94 -4.46 0.50
N GLY A 24 3.71 -4.96 0.60
CA GLY A 24 3.31 -6.11 -0.19
C GLY A 24 3.32 -5.82 -1.68
N CYS A 25 3.04 -4.57 -2.04
CA CYS A 25 3.01 -4.17 -3.43
C CYS A 25 4.40 -3.79 -3.92
N ARG A 26 5.34 -4.73 -3.82
CA ARG A 26 6.71 -4.49 -4.25
C ARG A 26 6.86 -4.73 -5.75
N TYR A 27 8.07 -4.51 -6.27
CA TYR A 27 8.34 -4.70 -7.68
C TYR A 27 9.09 -6.01 -7.92
N GLY A 28 9.96 -6.36 -6.98
CA GLY A 28 10.73 -7.59 -7.11
C GLY A 28 11.42 -7.99 -5.82
N ALA A 1 6.04 0.01 -6.22
CA ALA A 1 6.31 -0.32 -7.62
C ALA A 1 5.66 0.71 -8.55
N ASP A 2 4.36 0.89 -8.41
CA ASP A 2 3.62 1.84 -9.24
C ASP A 2 2.77 2.77 -8.38
N LYS A 3 2.31 3.86 -8.98
CA LYS A 3 1.48 4.83 -8.27
C LYS A 3 0.14 4.23 -7.89
N ARG A 4 -0.39 3.38 -8.77
CA ARG A 4 -1.67 2.73 -8.52
C ARG A 4 -1.64 1.95 -7.22
N CYS A 5 -0.58 1.17 -7.02
CA CYS A 5 -0.43 0.37 -5.81
C CYS A 5 -0.50 1.23 -4.56
N TYR A 6 0.31 2.30 -4.55
CA TYR A 6 0.35 3.21 -3.41
C TYR A 6 -1.04 3.73 -3.09
N ARG A 7 -1.75 4.20 -4.11
CA ARG A 7 -3.09 4.74 -3.94
C ARG A 7 -3.99 3.73 -3.24
N MET A 8 -3.86 2.46 -3.62
CA MET A 8 -4.67 1.39 -3.02
C MET A 8 -4.34 1.24 -1.54
N CYS A 9 -3.06 1.41 -1.20
CA CYS A 9 -2.62 1.28 0.19
C CYS A 9 -3.03 2.50 1.00
N GLN A 10 -3.14 3.65 0.34
CA GLN A 10 -3.52 4.89 1.01
C GLN A 10 -4.93 4.78 1.58
N ARG A 11 -5.80 4.06 0.87
CA ARG A 11 -7.18 3.89 1.31
C ARG A 11 -7.30 2.68 2.23
N TYR A 12 -6.41 2.59 3.20
CA TYR A 12 -6.42 1.49 4.16
C TYR A 12 -6.93 1.94 5.53
N HIS A 13 -8.01 1.33 5.98
CA HIS A 13 -8.59 1.67 7.27
C HIS A 13 -7.58 1.47 8.40
N GLN A 14 -6.85 0.36 8.34
CA GLN A 14 -5.85 0.05 9.36
C GLN A 14 -4.49 0.61 8.97
N ARG A 15 -3.87 1.35 9.89
CA ARG A 15 -2.57 1.95 9.64
C ARG A 15 -1.50 0.88 9.48
N ARG A 16 -1.53 -0.11 10.38
CA ARG A 16 -0.55 -1.20 10.34
C ARG A 16 -0.50 -1.83 8.96
N GLN A 17 -1.65 -1.90 8.30
CA GLN A 17 -1.74 -2.48 6.96
C GLN A 17 -1.36 -1.46 5.90
N ARG A 18 -1.78 -0.22 6.10
CA ARG A 18 -1.49 0.85 5.15
C ARG A 18 0.02 1.03 4.98
N ARG A 19 0.72 1.27 6.10
CA ARG A 19 2.16 1.45 6.06
C ARG A 19 2.85 0.27 5.39
N GLN A 20 2.63 -0.93 5.91
CA GLN A 20 3.23 -2.13 5.37
C GLN A 20 2.90 -2.27 3.87
N CYS A 21 1.64 -2.01 3.53
CA CYS A 21 1.20 -2.11 2.15
C CYS A 21 2.03 -1.20 1.24
N LYS A 22 2.13 0.07 1.62
CA LYS A 22 2.89 1.05 0.84
C LYS A 22 4.38 0.68 0.82
N LYS A 23 4.87 0.17 1.94
CA LYS A 23 6.27 -0.22 2.05
C LYS A 23 6.65 -1.20 0.94
N GLY A 24 5.97 -2.34 0.90
CA GLY A 24 6.24 -3.34 -0.12
C GLY A 24 5.48 -3.08 -1.40
N CYS A 25 4.15 -3.19 -1.33
CA CYS A 25 3.31 -2.97 -2.50
C CYS A 25 3.83 -3.75 -3.70
N ARG A 26 4.41 -4.92 -3.45
CA ARG A 26 4.95 -5.75 -4.51
C ARG A 26 3.84 -6.53 -5.21
N TYR A 27 3.94 -6.61 -6.54
CA TYR A 27 2.93 -7.33 -7.33
C TYR A 27 3.41 -8.74 -7.66
N GLY A 28 4.71 -8.89 -7.88
CA GLY A 28 5.27 -10.19 -8.21
C GLY A 28 6.51 -10.50 -7.41
N ALA A 1 6.90 3.04 -7.05
CA ALA A 1 7.09 2.61 -8.42
C ALA A 1 5.75 2.47 -9.14
N ASP A 2 4.75 1.98 -8.42
CA ASP A 2 3.41 1.80 -8.98
C ASP A 2 2.41 2.75 -8.33
N LYS A 3 1.87 3.67 -9.11
CA LYS A 3 0.90 4.64 -8.61
C LYS A 3 -0.38 3.93 -8.17
N ARG A 4 -0.76 2.88 -8.89
CA ARG A 4 -1.96 2.13 -8.57
C ARG A 4 -1.83 1.45 -7.21
N CYS A 5 -0.67 0.86 -6.97
CA CYS A 5 -0.41 0.17 -5.71
C CYS A 5 -0.39 1.15 -4.54
N TYR A 6 0.16 2.33 -4.78
CA TYR A 6 0.25 3.36 -3.76
C TYR A 6 -1.13 3.77 -3.28
N ARG A 7 -1.95 4.26 -4.21
CA ARG A 7 -3.31 4.69 -3.88
C ARG A 7 -4.07 3.58 -3.17
N MET A 8 -3.92 2.36 -3.66
CA MET A 8 -4.61 1.20 -3.08
C MET A 8 -4.30 1.09 -1.59
N CYS A 9 -3.02 1.24 -1.25
CA CYS A 9 -2.59 1.16 0.15
C CYS A 9 -3.03 2.39 0.93
N GLN A 10 -3.14 3.52 0.23
CA GLN A 10 -3.54 4.77 0.87
C GLN A 10 -4.96 4.65 1.43
N ARG A 11 -5.80 3.89 0.76
CA ARG A 11 -7.18 3.70 1.20
C ARG A 11 -7.28 2.53 2.17
N TYR A 12 -6.38 2.50 3.15
CA TYR A 12 -6.37 1.44 4.14
C TYR A 12 -6.87 1.95 5.49
N HIS A 13 -8.04 1.46 5.90
CA HIS A 13 -8.64 1.87 7.16
C HIS A 13 -7.64 1.71 8.31
N GLN A 14 -6.87 0.63 8.27
CA GLN A 14 -5.87 0.36 9.30
C GLN A 14 -4.50 0.87 8.88
N ARG A 15 -3.78 1.47 9.83
CA ARG A 15 -2.46 2.01 9.56
C ARG A 15 -1.42 0.89 9.49
N ARG A 16 -1.54 -0.08 10.39
CA ARG A 16 -0.62 -1.21 10.43
C ARG A 16 -0.49 -1.85 9.05
N GLN A 17 -1.61 -1.96 8.34
CA GLN A 17 -1.61 -2.55 7.01
C GLN A 17 -1.25 -1.52 5.95
N ARG A 18 -1.69 -0.28 6.16
CA ARG A 18 -1.42 0.80 5.21
C ARG A 18 0.09 1.00 5.04
N ARG A 19 0.77 1.28 6.15
CA ARG A 19 2.21 1.50 6.13
C ARG A 19 2.93 0.32 5.47
N GLN A 20 2.71 -0.87 6.02
CA GLN A 20 3.34 -2.08 5.48
C GLN A 20 3.04 -2.23 3.99
N CYS A 21 1.78 -2.05 3.63
CA CYS A 21 1.36 -2.17 2.24
C CYS A 21 2.18 -1.26 1.34
N LYS A 22 2.33 0.00 1.75
CA LYS A 22 3.11 0.97 0.98
C LYS A 22 4.58 0.57 0.93
N LYS A 23 5.09 0.08 2.04
CA LYS A 23 6.48 -0.34 2.13
C LYS A 23 6.82 -1.34 1.02
N GLY A 24 6.08 -2.45 1.00
CA GLY A 24 6.31 -3.47 -0.02
C GLY A 24 5.56 -3.19 -1.30
N CYS A 25 4.23 -3.28 -1.24
CA CYS A 25 3.39 -3.03 -2.40
C CYS A 25 3.91 -3.80 -3.61
N ARG A 26 4.47 -4.99 -3.36
CA ARG A 26 5.00 -5.83 -4.43
C ARG A 26 3.87 -6.48 -5.23
N TYR A 27 4.20 -6.96 -6.42
CA TYR A 27 3.21 -7.60 -7.28
C TYR A 27 3.78 -8.88 -7.89
N GLY A 28 4.24 -9.79 -7.04
CA GLY A 28 4.80 -11.04 -7.52
C GLY A 28 4.71 -12.15 -6.49
#